data_3EEV
#
_entry.id   3EEV
#
_cell.length_a   99.972
_cell.length_b   99.972
_cell.length_c   127.374
_cell.angle_alpha   90.00
_cell.angle_beta   90.00
_cell.angle_gamma   120.00
#
_symmetry.space_group_name_H-M   'P 31 2 1'
#
loop_
_entity.id
_entity.type
_entity.pdbx_description
1 polymer 'Chloramphenicol acetyltransferase'
2 non-polymer (4S)-2-METHYL-2,4-PENTANEDIOL
3 water water
#
_entity_poly.entity_id   1
_entity_poly.type   'polypeptide(L)'
_entity_poly.pdbx_seq_one_letter_code
;SNAMNFFTSPFSGIPLDQQVTNPNIIVGKHSYYSGYYHGHSFDDCVRYLHPERDDVDKLVIGSFCSIGSGAVFMMAGNQG
HRSDWISTFPFFYQDNDNFADARDGFTRSGDTIIGHDVWIGTEAMIMPGVKIGHGAIIASRSVVTKDVAPYEVVGSNPAK
HIKFRFSDVEIAMLLEMAWWNWPESWLKESMQSLCSSDIEGLYLNWQSKART
;
_entity_poly.pdbx_strand_id   A,B,C
#
loop_
_chem_comp.id
_chem_comp.type
_chem_comp.name
_chem_comp.formula
MPD non-polymer (4S)-2-METHYL-2,4-PENTANEDIOL 'C6 H14 O2'
#
# COMPACT_ATOMS: atom_id res chain seq x y z
N ASN A 5 -3.28 -4.02 -20.36
CA ASN A 5 -4.34 -4.32 -19.38
C ASN A 5 -5.10 -5.59 -19.76
N PHE A 6 -5.37 -6.42 -18.75
CA PHE A 6 -6.08 -7.69 -18.92
C PHE A 6 -7.60 -7.53 -18.78
N PHE A 7 -8.04 -6.41 -18.22
CA PHE A 7 -9.45 -6.16 -18.05
C PHE A 7 -9.89 -5.11 -19.04
N THR A 8 -11.00 -5.38 -19.70
CA THR A 8 -11.55 -4.47 -20.69
C THR A 8 -12.13 -3.18 -20.08
N SER A 9 -12.67 -3.29 -18.88
CA SER A 9 -13.26 -2.15 -18.20
C SER A 9 -12.96 -2.21 -16.69
N PRO A 10 -13.03 -1.03 -15.99
CA PRO A 10 -12.97 -0.91 -14.51
C PRO A 10 -13.98 -1.75 -13.78
N PHE A 11 -15.16 -1.93 -14.37
CA PHE A 11 -16.26 -2.69 -13.74
C PHE A 11 -16.26 -4.17 -14.13
N SER A 12 -15.21 -4.61 -14.82
CA SER A 12 -15.13 -5.91 -15.41
C SER A 12 -14.55 -6.88 -14.36
N GLY A 13 -15.36 -7.86 -13.93
CA GLY A 13 -14.97 -8.86 -12.94
C GLY A 13 -14.98 -10.27 -13.52
N ILE A 14 -13.81 -10.81 -13.86
CA ILE A 14 -13.66 -12.10 -14.52
C ILE A 14 -13.50 -13.22 -13.46
N PRO A 15 -14.21 -14.38 -13.62
CA PRO A 15 -14.06 -15.48 -12.64
C PRO A 15 -12.62 -15.94 -12.54
N LEU A 16 -12.22 -16.39 -11.35
CA LEU A 16 -10.84 -16.81 -11.11
C LEU A 16 -10.53 -17.98 -11.99
N ASP A 17 -11.50 -18.86 -12.12
CA ASP A 17 -11.28 -20.07 -12.91
C ASP A 17 -11.18 -19.77 -14.42
N GLN A 18 -11.42 -18.54 -14.83
CA GLN A 18 -11.23 -18.23 -16.23
C GLN A 18 -9.85 -17.65 -16.52
N GLN A 19 -9.06 -17.47 -15.47
CA GLN A 19 -7.79 -16.81 -15.63
C GLN A 19 -6.65 -17.49 -14.87
N VAL A 20 -6.92 -18.32 -13.87
CA VAL A 20 -5.80 -18.98 -13.20
C VAL A 20 -5.09 -20.05 -14.04
N THR A 21 -3.78 -20.07 -13.96
CA THR A 21 -2.95 -20.96 -14.77
C THR A 21 -2.00 -21.79 -13.88
N ASN A 22 -1.72 -21.27 -12.67
CA ASN A 22 -0.84 -21.91 -11.72
C ASN A 22 -1.51 -23.11 -11.04
N PRO A 23 -0.96 -24.30 -11.29
CA PRO A 23 -1.41 -25.58 -10.73
C PRO A 23 -1.57 -25.54 -9.20
N ASN A 24 -0.78 -24.69 -8.53
CA ASN A 24 -0.84 -24.53 -7.08
C ASN A 24 -1.84 -23.43 -6.60
N ILE A 25 -2.65 -22.93 -7.51
CA ILE A 25 -3.76 -22.09 -7.15
C ILE A 25 -5.07 -22.85 -7.48
N ILE A 26 -5.81 -23.17 -6.42
CA ILE A 26 -7.05 -23.94 -6.47
C ILE A 26 -8.23 -22.98 -6.21
N VAL A 27 -9.19 -22.97 -7.13
CA VAL A 27 -10.30 -21.98 -7.02
C VAL A 27 -11.74 -22.52 -7.21
N GLY A 28 -12.67 -21.97 -6.43
CA GLY A 28 -14.09 -22.28 -6.57
C GLY A 28 -14.66 -21.59 -7.79
N LYS A 29 -15.89 -21.96 -8.12
CA LYS A 29 -16.64 -21.34 -9.20
C LYS A 29 -17.17 -20.01 -8.66
N HIS A 30 -17.51 -19.13 -9.60
CA HIS A 30 -18.10 -17.83 -9.31
C HIS A 30 -17.16 -16.72 -8.79
N SER A 31 -16.18 -17.12 -8.01
CA SER A 31 -15.19 -16.26 -7.47
C SER A 31 -14.58 -15.51 -8.60
N TYR A 32 -14.48 -14.21 -8.42
CA TYR A 32 -13.96 -13.36 -9.47
C TYR A 32 -12.90 -12.36 -8.95
N TYR A 33 -12.07 -11.91 -9.88
CA TYR A 33 -11.13 -10.79 -9.65
C TYR A 33 -11.46 -9.64 -10.60
N SER A 34 -11.58 -8.45 -10.04
CA SER A 34 -11.72 -7.25 -10.84
C SER A 34 -10.43 -6.47 -10.73
N GLY A 35 -9.52 -6.73 -11.64
CA GLY A 35 -8.15 -6.20 -11.56
C GLY A 35 -7.77 -5.12 -12.55
N TYR A 36 -8.76 -4.46 -13.13
CA TYR A 36 -8.49 -3.38 -14.07
C TYR A 36 -7.42 -2.38 -13.59
N TYR A 37 -7.56 -1.84 -12.39
CA TYR A 37 -6.63 -0.80 -11.92
C TYR A 37 -5.20 -1.30 -11.68
N HIS A 38 -4.96 -2.58 -11.90
CA HIS A 38 -3.61 -3.12 -11.73
C HIS A 38 -3.16 -3.93 -12.94
N GLY A 39 -3.97 -3.90 -13.98
CA GLY A 39 -3.60 -4.46 -15.26
C GLY A 39 -3.53 -5.98 -15.36
N HIS A 40 -2.68 -6.61 -14.55
CA HIS A 40 -2.38 -8.06 -14.67
C HIS A 40 -3.62 -8.93 -14.32
N SER A 41 -3.65 -10.15 -14.85
CA SER A 41 -4.68 -11.12 -14.47
C SER A 41 -4.41 -11.62 -13.03
N PHE A 42 -5.18 -12.61 -12.58
CA PHE A 42 -5.09 -12.97 -11.17
C PHE A 42 -3.80 -13.72 -10.76
N ASP A 43 -3.14 -14.41 -11.72
CA ASP A 43 -1.94 -15.22 -11.45
C ASP A 43 -0.91 -14.41 -10.70
N ASP A 44 -0.75 -13.16 -11.15
CA ASP A 44 0.25 -12.24 -10.62
C ASP A 44 -0.17 -11.57 -9.32
N CYS A 45 -1.37 -11.86 -8.89
CA CYS A 45 -1.80 -11.51 -7.54
C CYS A 45 -1.06 -12.40 -6.57
N VAL A 46 -0.68 -13.57 -7.06
CA VAL A 46 -0.23 -14.63 -6.20
C VAL A 46 1.27 -14.65 -6.33
N ARG A 47 1.95 -14.08 -5.34
CA ARG A 47 3.38 -13.76 -5.50
C ARG A 47 4.23 -14.91 -5.01
N TYR A 48 5.28 -15.22 -5.79
CA TYR A 48 6.32 -16.24 -5.49
C TYR A 48 5.85 -17.72 -5.35
N LEU A 49 4.77 -18.06 -6.04
CA LEU A 49 4.23 -19.43 -6.02
C LEU A 49 4.74 -20.24 -7.21
N HIS A 50 5.76 -21.08 -6.99
CA HIS A 50 6.23 -22.05 -7.98
C HIS A 50 5.10 -22.90 -8.56
N PRO A 51 4.94 -22.89 -9.90
CA PRO A 51 3.88 -23.69 -10.52
C PRO A 51 4.19 -25.20 -10.69
N GLU A 52 5.47 -25.58 -10.70
CA GLU A 52 5.89 -27.00 -10.84
C GLU A 52 5.92 -27.80 -9.53
N ARG A 53 6.33 -27.19 -8.43
CA ARG A 53 6.57 -27.93 -7.17
C ARG A 53 5.30 -28.36 -6.39
N ASP A 54 5.25 -29.65 -6.06
N ASP A 54 5.21 -29.63 -6.03
CA ASP A 54 4.18 -30.22 -5.27
CA ASP A 54 4.09 -30.13 -5.24
C ASP A 54 4.43 -30.10 -3.76
C ASP A 54 4.36 -29.91 -3.74
N ASP A 55 5.60 -29.61 -3.39
CA ASP A 55 6.00 -29.49 -1.98
C ASP A 55 6.08 -28.06 -1.39
N VAL A 56 5.38 -27.10 -2.00
CA VAL A 56 5.33 -25.72 -1.47
C VAL A 56 3.93 -25.31 -1.00
N ASP A 57 3.87 -24.35 -0.09
CA ASP A 57 2.60 -23.75 0.31
C ASP A 57 1.73 -23.39 -0.91
N LYS A 58 0.44 -23.68 -0.77
CA LYS A 58 -0.58 -23.52 -1.81
C LYS A 58 -1.60 -22.39 -1.50
N LEU A 59 -2.26 -21.89 -2.54
CA LEU A 59 -3.39 -20.96 -2.35
C LEU A 59 -4.66 -21.67 -2.73
N VAL A 60 -5.58 -21.71 -1.78
CA VAL A 60 -6.86 -22.35 -1.98
C VAL A 60 -7.92 -21.29 -1.72
N ILE A 61 -8.74 -21.04 -2.74
CA ILE A 61 -9.81 -20.07 -2.57
C ILE A 61 -11.16 -20.74 -2.82
N GLY A 62 -12.15 -20.46 -1.98
CA GLY A 62 -13.45 -21.12 -2.22
C GLY A 62 -14.32 -20.42 -3.23
N SER A 63 -15.59 -20.85 -3.23
CA SER A 63 -16.71 -20.27 -4.00
C SER A 63 -17.18 -18.88 -3.58
N PHE A 64 -17.68 -18.13 -4.54
CA PHE A 64 -18.38 -16.84 -4.26
C PHE A 64 -17.52 -15.75 -3.60
N CYS A 65 -16.23 -15.73 -3.90
CA CYS A 65 -15.36 -14.72 -3.35
C CYS A 65 -15.29 -13.54 -4.29
N SER A 66 -15.12 -12.36 -3.72
CA SER A 66 -15.07 -11.12 -4.47
C SER A 66 -13.73 -10.54 -4.15
N ILE A 67 -12.85 -10.52 -5.15
CA ILE A 67 -11.49 -10.10 -4.88
C ILE A 67 -11.19 -8.80 -5.59
N GLY A 68 -10.83 -7.76 -4.82
CA GLY A 68 -10.65 -6.40 -5.38
C GLY A 68 -9.26 -6.17 -5.98
N SER A 69 -9.17 -5.11 -6.78
CA SER A 69 -8.03 -4.81 -7.64
C SER A 69 -6.67 -4.76 -6.90
N GLY A 70 -5.70 -5.46 -7.48
CA GLY A 70 -4.37 -5.48 -6.92
C GLY A 70 -4.24 -6.07 -5.51
N ALA A 71 -5.22 -6.82 -5.05
CA ALA A 71 -5.04 -7.63 -3.86
C ALA A 71 -3.83 -8.54 -4.02
N VAL A 72 -3.13 -8.82 -2.92
CA VAL A 72 -1.89 -9.59 -2.95
C VAL A 72 -1.96 -10.83 -2.04
N PHE A 73 -1.43 -11.94 -2.53
CA PHE A 73 -1.38 -13.13 -1.72
C PHE A 73 0.08 -13.55 -1.66
N MET A 74 0.72 -13.43 -0.49
CA MET A 74 2.15 -13.70 -0.43
C MET A 74 2.44 -15.16 -0.19
N MET A 75 3.06 -15.83 -1.13
CA MET A 75 3.49 -17.20 -0.90
C MET A 75 5.02 -17.28 -0.71
N ALA A 76 5.55 -18.52 -0.78
CA ALA A 76 6.96 -18.83 -0.59
C ALA A 76 7.49 -18.59 0.83
N GLY A 77 6.61 -18.49 1.82
CA GLY A 77 7.08 -18.51 3.20
C GLY A 77 7.96 -17.31 3.51
N ASN A 78 9.06 -17.56 4.19
CA ASN A 78 9.99 -16.53 4.50
C ASN A 78 10.86 -16.16 3.29
N GLN A 79 10.58 -16.77 2.14
CA GLN A 79 11.34 -16.51 0.90
C GLN A 79 12.81 -16.65 1.09
N GLY A 80 13.20 -17.61 1.91
CA GLY A 80 14.64 -17.88 2.15
C GLY A 80 15.31 -17.05 3.23
N HIS A 81 14.62 -16.06 3.82
CA HIS A 81 15.23 -15.21 4.85
C HIS A 81 14.87 -15.67 6.29
N ARG A 82 15.91 -15.88 7.09
CA ARG A 82 15.77 -16.40 8.43
C ARG A 82 16.14 -15.31 9.43
N SER A 83 15.14 -14.70 10.05
CA SER A 83 15.43 -13.69 11.06
C SER A 83 16.23 -14.20 12.26
N ASP A 84 16.15 -15.51 12.55
CA ASP A 84 16.85 -16.09 13.68
C ASP A 84 18.25 -16.57 13.32
N TRP A 85 18.59 -16.58 12.03
CA TRP A 85 19.99 -16.75 11.63
C TRP A 85 20.75 -15.40 11.73
N ILE A 86 22.07 -15.48 11.80
CA ILE A 86 22.88 -14.29 11.99
C ILE A 86 22.51 -13.25 10.92
N SER A 87 22.48 -13.74 9.68
CA SER A 87 22.07 -12.92 8.56
C SER A 87 20.82 -13.41 7.84
N THR A 88 20.01 -12.43 7.46
CA THR A 88 18.83 -12.68 6.66
C THR A 88 19.14 -12.64 5.15
N PHE A 89 20.41 -12.45 4.77
CA PHE A 89 20.72 -12.44 3.34
C PHE A 89 20.67 -13.88 2.82
N PRO A 90 19.94 -14.07 1.71
CA PRO A 90 19.66 -15.44 1.32
C PRO A 90 20.82 -16.03 0.54
N PHE A 91 21.92 -16.32 1.23
CA PHE A 91 23.17 -16.74 0.58
C PHE A 91 22.95 -17.99 -0.27
N PHE A 92 22.20 -18.93 0.27
CA PHE A 92 21.85 -20.14 -0.45
C PHE A 92 21.20 -19.90 -1.83
N TYR A 93 20.52 -18.77 -2.00
CA TYR A 93 19.86 -18.48 -3.28
C TYR A 93 20.61 -17.51 -4.16
N GLN A 94 21.81 -17.13 -3.75
CA GLN A 94 22.56 -16.18 -4.55
C GLN A 94 23.67 -16.85 -5.34
N ASP A 95 23.85 -16.36 -6.56
CA ASP A 95 24.77 -16.93 -7.53
C ASP A 95 26.19 -16.48 -7.22
N ASN A 96 26.88 -17.23 -6.36
CA ASN A 96 28.19 -16.82 -5.89
C ASN A 96 28.91 -17.99 -5.25
N ASP A 97 30.14 -18.18 -5.65
CA ASP A 97 30.82 -19.42 -5.28
C ASP A 97 31.31 -19.32 -3.85
N ASN A 98 31.58 -18.08 -3.41
CA ASN A 98 31.84 -17.77 -2.01
C ASN A 98 30.68 -18.17 -1.05
N PHE A 99 29.49 -18.45 -1.59
CA PHE A 99 28.33 -18.80 -0.79
C PHE A 99 28.00 -20.29 -0.85
N ALA A 100 28.97 -21.08 -1.32
CA ALA A 100 28.82 -22.54 -1.51
C ALA A 100 28.34 -23.35 -0.29
N ASP A 101 28.81 -23.01 0.92
CA ASP A 101 28.43 -23.77 2.10
C ASP A 101 27.16 -23.36 2.80
N ALA A 102 26.49 -22.35 2.24
CA ALA A 102 25.30 -21.78 2.86
C ALA A 102 24.30 -22.90 3.08
N ARG A 103 23.48 -22.77 4.12
CA ARG A 103 22.32 -23.62 4.24
C ARG A 103 21.13 -22.89 3.67
N ASP A 104 20.13 -23.70 3.30
CA ASP A 104 18.89 -23.30 2.73
C ASP A 104 17.97 -22.69 3.81
N GLY A 105 17.66 -21.39 3.67
CA GLY A 105 16.87 -20.64 4.62
C GLY A 105 15.37 -20.76 4.40
N PHE A 106 14.95 -21.37 3.30
CA PHE A 106 13.55 -21.41 3.00
C PHE A 106 12.79 -22.16 4.13
N THR A 107 11.67 -21.59 4.61
CA THR A 107 10.74 -22.25 5.52
C THR A 107 9.37 -21.94 5.00
N ARG A 108 8.57 -22.99 4.83
CA ARG A 108 7.15 -22.90 4.50
C ARG A 108 6.38 -22.42 5.70
N SER A 109 5.22 -21.85 5.37
CA SER A 109 4.35 -21.22 6.30
C SER A 109 3.05 -22.00 6.43
N GLY A 110 2.84 -23.02 5.60
CA GLY A 110 1.53 -23.63 5.53
C GLY A 110 0.78 -22.99 4.38
N ASP A 111 -0.35 -23.59 3.97
CA ASP A 111 -1.13 -23.09 2.84
C ASP A 111 -1.95 -21.86 3.25
N THR A 112 -2.24 -21.02 2.27
CA THR A 112 -3.21 -19.94 2.40
C THR A 112 -4.56 -20.45 1.89
N ILE A 113 -5.54 -20.43 2.78
CA ILE A 113 -6.86 -20.97 2.51
C ILE A 113 -7.90 -19.88 2.68
N ILE A 114 -8.56 -19.48 1.61
CA ILE A 114 -9.66 -18.54 1.76
C ILE A 114 -10.92 -19.36 1.59
N GLY A 115 -11.86 -19.22 2.51
CA GLY A 115 -13.10 -19.98 2.41
C GLY A 115 -14.05 -19.39 1.40
N HIS A 116 -15.32 -19.77 1.49
CA HIS A 116 -16.42 -19.29 0.63
C HIS A 116 -16.98 -17.91 1.03
N ASP A 117 -17.54 -17.20 0.05
CA ASP A 117 -18.27 -15.91 0.33
C ASP A 117 -17.36 -14.92 1.06
N VAL A 118 -16.07 -14.90 0.68
CA VAL A 118 -15.10 -13.98 1.27
C VAL A 118 -14.88 -12.87 0.27
N TRP A 119 -15.06 -11.63 0.74
CA TRP A 119 -14.82 -10.36 0.04
C TRP A 119 -13.49 -9.74 0.55
N ILE A 120 -12.55 -9.55 -0.38
CA ILE A 120 -11.25 -8.99 -0.13
C ILE A 120 -11.13 -7.66 -0.86
N GLY A 121 -11.06 -6.59 -0.07
CA GLY A 121 -10.89 -5.21 -0.59
C GLY A 121 -9.61 -4.99 -1.38
N THR A 122 -9.68 -4.02 -2.29
CA THR A 122 -8.59 -3.67 -3.17
C THR A 122 -7.24 -3.45 -2.43
N GLU A 123 -6.15 -3.94 -3.02
CA GLU A 123 -4.77 -3.72 -2.50
C GLU A 123 -4.53 -4.22 -1.04
N ALA A 124 -5.42 -5.06 -0.54
CA ALA A 124 -5.14 -5.75 0.70
C ALA A 124 -4.08 -6.80 0.45
N MET A 125 -3.30 -7.11 1.47
CA MET A 125 -2.25 -8.08 1.40
C MET A 125 -2.47 -9.23 2.42
N ILE A 126 -2.41 -10.45 1.89
CA ILE A 126 -2.56 -11.66 2.69
C ILE A 126 -1.17 -12.31 2.85
N MET A 127 -0.71 -12.43 4.11
CA MET A 127 0.61 -13.03 4.38
C MET A 127 0.57 -14.55 4.24
N PRO A 128 1.76 -15.18 4.16
CA PRO A 128 1.78 -16.62 3.94
C PRO A 128 1.07 -17.34 5.08
N GLY A 129 0.40 -18.46 4.76
CA GLY A 129 -0.18 -19.37 5.73
C GLY A 129 -1.45 -18.96 6.47
N VAL A 130 -2.01 -17.79 6.16
CA VAL A 130 -3.25 -17.37 6.86
C VAL A 130 -4.50 -18.12 6.37
N LYS A 131 -5.40 -18.42 7.30
CA LYS A 131 -6.70 -19.06 6.97
C LYS A 131 -7.73 -17.97 7.15
N ILE A 132 -8.62 -17.78 6.17
CA ILE A 132 -9.67 -16.79 6.32
C ILE A 132 -11.00 -17.51 6.23
N GLY A 133 -11.77 -17.52 7.30
CA GLY A 133 -13.03 -18.24 7.32
C GLY A 133 -14.15 -17.74 6.40
N HIS A 134 -15.21 -18.54 6.29
CA HIS A 134 -16.31 -18.29 5.34
C HIS A 134 -16.98 -16.97 5.67
N GLY A 135 -17.32 -16.21 4.64
CA GLY A 135 -18.10 -14.99 4.85
C GLY A 135 -17.37 -13.80 5.47
N ALA A 136 -16.07 -13.97 5.73
CA ALA A 136 -15.18 -12.91 6.24
C ALA A 136 -15.07 -11.75 5.26
N ILE A 137 -14.84 -10.55 5.78
CA ILE A 137 -14.53 -9.36 4.96
C ILE A 137 -13.15 -8.80 5.32
N ILE A 138 -12.32 -8.59 4.30
CA ILE A 138 -11.00 -8.04 4.52
C ILE A 138 -11.01 -6.66 3.90
N ALA A 139 -10.87 -5.63 4.72
CA ALA A 139 -10.92 -4.23 4.26
C ALA A 139 -9.81 -3.87 3.24
N SER A 140 -10.06 -2.86 2.41
CA SER A 140 -9.05 -2.40 1.46
C SER A 140 -7.80 -2.09 2.24
N ARG A 141 -6.65 -2.34 1.62
CA ARG A 141 -5.34 -2.01 2.21
C ARG A 141 -5.03 -2.74 3.53
N SER A 142 -5.88 -3.65 3.94
CA SER A 142 -5.58 -4.52 5.06
C SER A 142 -4.27 -5.25 4.82
N VAL A 143 -3.47 -5.41 5.88
CA VAL A 143 -2.36 -6.34 5.80
C VAL A 143 -2.70 -7.49 6.76
N VAL A 144 -2.98 -8.69 6.21
CA VAL A 144 -3.58 -9.76 7.02
C VAL A 144 -2.49 -10.67 7.50
N THR A 145 -2.17 -10.57 8.79
CA THR A 145 -1.06 -11.34 9.37
C THR A 145 -1.43 -12.59 10.17
N LYS A 146 -2.69 -12.74 10.57
CA LYS A 146 -3.21 -13.84 11.38
C LYS A 146 -4.55 -14.29 10.78
N ASP A 147 -4.99 -15.51 11.11
CA ASP A 147 -6.31 -16.04 10.68
C ASP A 147 -7.47 -15.13 11.00
N VAL A 148 -8.44 -15.13 10.08
CA VAL A 148 -9.74 -14.46 10.24
C VAL A 148 -10.89 -15.48 10.42
N ALA A 149 -11.70 -15.31 11.47
CA ALA A 149 -12.79 -16.25 11.78
C ALA A 149 -13.98 -16.07 10.81
N PRO A 150 -14.90 -17.08 10.70
CA PRO A 150 -16.01 -16.90 9.74
C PRO A 150 -16.89 -15.66 10.01
N TYR A 151 -17.30 -14.97 8.94
CA TYR A 151 -18.16 -13.75 9.03
C TYR A 151 -17.50 -12.60 9.77
N GLU A 152 -16.20 -12.74 10.00
CA GLU A 152 -15.43 -11.64 10.61
C GLU A 152 -15.04 -10.54 9.63
N VAL A 153 -15.13 -9.28 10.07
CA VAL A 153 -14.57 -8.12 9.37
C VAL A 153 -13.27 -7.62 10.06
N VAL A 154 -12.22 -7.41 9.27
CA VAL A 154 -10.92 -7.01 9.82
C VAL A 154 -10.32 -6.00 8.88
N GLY A 155 -9.38 -5.20 9.38
CA GLY A 155 -8.85 -4.10 8.61
C GLY A 155 -7.61 -3.62 9.26
N SER A 156 -6.93 -2.71 8.60
CA SER A 156 -5.72 -2.16 9.15
C SER A 156 -4.46 -3.00 8.83
N ASN A 157 -3.31 -2.48 9.27
CA ASN A 157 -1.99 -3.03 9.04
C ASN A 157 -1.14 -2.87 10.30
N PRO A 158 -1.02 -3.95 11.10
CA PRO A 158 -1.58 -5.28 10.79
C PRO A 158 -3.13 -5.32 10.94
N ALA A 159 -3.80 -6.21 10.21
CA ALA A 159 -5.27 -6.25 10.22
C ALA A 159 -5.75 -6.62 11.64
N LYS A 160 -6.73 -5.91 12.18
CA LYS A 160 -7.30 -6.30 13.48
C LYS A 160 -8.82 -6.39 13.46
N HIS A 161 -9.42 -6.92 14.53
CA HIS A 161 -10.86 -7.13 14.57
C HIS A 161 -11.65 -5.83 14.45
N ILE A 162 -12.58 -5.76 13.49
CA ILE A 162 -13.53 -4.64 13.51
C ILE A 162 -14.87 -5.03 14.12
N LYS A 163 -15.41 -6.19 13.74
CA LYS A 163 -16.84 -6.49 13.82
C LYS A 163 -17.02 -7.92 13.29
N PHE A 164 -18.13 -8.54 13.71
CA PHE A 164 -18.72 -9.67 13.03
C PHE A 164 -19.88 -9.18 12.19
N ARG A 165 -20.18 -9.91 11.12
CA ARG A 165 -21.28 -9.55 10.24
C ARG A 165 -22.61 -9.84 10.88
N PHE A 166 -22.62 -10.77 11.85
CA PHE A 166 -23.87 -11.31 12.39
C PHE A 166 -23.61 -11.90 13.75
N SER A 167 -24.69 -12.28 14.44
CA SER A 167 -24.64 -12.88 15.78
C SER A 167 -24.12 -14.29 15.72
N ASP A 168 -23.74 -14.79 16.89
CA ASP A 168 -23.17 -16.10 16.96
C ASP A 168 -24.15 -17.13 16.39
N VAL A 169 -25.44 -16.99 16.70
CA VAL A 169 -26.44 -17.99 16.28
C VAL A 169 -26.65 -17.97 14.77
N GLU A 170 -26.71 -16.75 14.21
CA GLU A 170 -26.84 -16.56 12.77
C GLU A 170 -25.66 -17.17 11.99
N ILE A 171 -24.45 -16.88 12.50
CA ILE A 171 -23.25 -17.50 11.96
C ILE A 171 -23.38 -19.03 11.98
N ALA A 172 -23.70 -19.60 13.13
CA ALA A 172 -23.94 -21.05 13.23
C ALA A 172 -24.92 -21.58 12.15
N MET A 173 -26.02 -20.86 11.93
CA MET A 173 -27.06 -21.30 11.00
C MET A 173 -26.54 -21.31 9.58
N LEU A 174 -25.81 -20.24 9.27
CA LEU A 174 -25.17 -20.12 7.98
C LEU A 174 -24.10 -21.16 7.79
N LEU A 175 -23.30 -21.43 8.81
CA LEU A 175 -22.26 -22.45 8.66
C LEU A 175 -22.89 -23.82 8.46
N GLU A 176 -24.00 -24.08 9.12
CA GLU A 176 -24.69 -25.34 8.95
C GLU A 176 -25.36 -25.47 7.58
N MET A 177 -26.09 -24.46 7.12
CA MET A 177 -26.80 -24.61 5.85
C MET A 177 -25.88 -24.55 4.61
N ALA A 178 -24.72 -23.89 4.73
CA ALA A 178 -23.71 -23.89 3.66
C ALA A 178 -24.29 -23.69 2.23
N TRP A 179 -25.04 -22.60 2.03
CA TRP A 179 -25.67 -22.32 0.73
C TRP A 179 -24.75 -22.45 -0.49
N TRP A 180 -23.48 -22.07 -0.33
CA TRP A 180 -22.51 -22.18 -1.42
C TRP A 180 -22.46 -23.63 -1.97
N ASN A 181 -22.80 -24.62 -1.15
CA ASN A 181 -22.79 -26.00 -1.66
C ASN A 181 -24.11 -26.55 -2.11
N TRP A 182 -25.18 -25.77 -2.06
CA TRP A 182 -26.50 -26.25 -2.50
C TRP A 182 -26.54 -26.64 -3.97
N PRO A 183 -27.47 -27.56 -4.35
CA PRO A 183 -27.67 -27.76 -5.79
C PRO A 183 -27.97 -26.45 -6.46
N GLU A 184 -27.53 -26.37 -7.72
CA GLU A 184 -27.76 -25.20 -8.56
C GLU A 184 -29.26 -24.78 -8.58
N SER A 185 -30.17 -25.76 -8.60
CA SER A 185 -31.59 -25.46 -8.67
C SER A 185 -32.00 -24.68 -7.44
N TRP A 186 -31.57 -25.13 -6.25
CA TRP A 186 -31.85 -24.44 -4.99
C TRP A 186 -31.26 -23.04 -4.96
N LEU A 187 -30.04 -22.91 -5.51
CA LEU A 187 -29.36 -21.64 -5.53
C LEU A 187 -30.20 -20.63 -6.32
N LYS A 188 -30.62 -20.98 -7.54
CA LYS A 188 -31.40 -20.06 -8.40
C LYS A 188 -32.69 -19.62 -7.73
N GLU A 189 -33.28 -20.57 -7.02
CA GLU A 189 -34.54 -20.38 -6.28
C GLU A 189 -34.32 -19.57 -5.01
N SER A 190 -33.08 -19.51 -4.53
CA SER A 190 -32.79 -18.78 -3.31
C SER A 190 -32.33 -17.34 -3.55
N MET A 191 -32.28 -16.93 -4.81
CA MET A 191 -31.72 -15.65 -5.20
C MET A 191 -32.26 -14.43 -4.42
N GLN A 192 -33.58 -14.25 -4.34
CA GLN A 192 -34.15 -13.11 -3.61
C GLN A 192 -33.89 -13.20 -2.12
N SER A 193 -33.78 -14.41 -1.62
CA SER A 193 -33.63 -14.62 -0.20
C SER A 193 -32.21 -14.31 0.25
N LEU A 194 -31.25 -14.64 -0.62
CA LEU A 194 -29.84 -14.41 -0.36
C LEU A 194 -29.49 -12.93 -0.37
N CYS A 195 -30.23 -12.14 -1.17
CA CYS A 195 -30.10 -10.68 -1.24
C CYS A 195 -30.95 -10.06 -0.20
N SER A 196 -30.87 -10.62 0.99
CA SER A 196 -31.70 -10.16 2.06
C SER A 196 -30.94 -10.41 3.34
N SER A 197 -31.47 -9.82 4.39
CA SER A 197 -30.86 -9.90 5.67
C SER A 197 -31.45 -11.06 6.47
N ASP A 198 -32.40 -11.79 5.89
CA ASP A 198 -33.15 -12.80 6.62
C ASP A 198 -32.47 -14.19 6.78
N ILE A 199 -31.50 -14.27 7.69
CA ILE A 199 -30.84 -15.54 7.94
C ILE A 199 -31.90 -16.51 8.38
N GLU A 200 -32.61 -16.17 9.46
CA GLU A 200 -33.59 -17.10 10.07
C GLU A 200 -34.56 -17.69 9.07
N GLY A 201 -35.10 -16.86 8.20
CA GLY A 201 -36.05 -17.31 7.20
C GLY A 201 -35.43 -18.43 6.44
N LEU A 202 -34.36 -18.10 5.73
CA LEU A 202 -33.71 -19.01 4.79
C LEU A 202 -33.31 -20.30 5.46
N TYR A 203 -32.81 -20.18 6.68
CA TYR A 203 -32.41 -21.33 7.47
C TYR A 203 -33.57 -22.30 7.65
N LEU A 204 -34.71 -21.79 8.14
CA LEU A 204 -35.89 -22.63 8.37
C LEU A 204 -36.42 -23.22 7.08
N ASN A 205 -36.44 -22.42 6.04
CA ASN A 205 -36.78 -22.94 4.74
C ASN A 205 -35.82 -24.09 4.30
N TRP A 206 -34.53 -23.89 4.53
CA TRP A 206 -33.55 -24.89 4.19
C TRP A 206 -33.79 -26.23 4.96
N GLN A 207 -34.03 -26.12 6.27
CA GLN A 207 -34.26 -27.26 7.15
C GLN A 207 -35.37 -28.15 6.67
N SER A 208 -36.49 -27.56 6.25
CA SER A 208 -37.60 -28.35 5.78
C SER A 208 -37.35 -29.01 4.44
N LYS A 209 -36.44 -28.44 3.63
CA LYS A 209 -36.06 -29.00 2.32
C LYS A 209 -34.95 -30.07 2.46
N ALA A 210 -34.04 -29.89 3.43
CA ALA A 210 -32.80 -30.71 3.49
C ALA A 210 -32.69 -31.75 4.61
N ARG A 211 -33.55 -31.64 5.63
CA ARG A 211 -33.57 -32.57 6.75
C ARG A 211 -34.73 -33.55 6.72
N MET B 4 5.14 3.30 -21.60
CA MET B 4 4.95 4.76 -21.67
C MET B 4 4.25 5.31 -20.43
N ASN B 5 4.37 6.62 -20.26
CA ASN B 5 4.07 7.28 -19.02
C ASN B 5 3.41 8.61 -19.34
N PHE B 6 2.37 8.95 -18.59
CA PHE B 6 1.72 10.24 -18.81
C PHE B 6 2.65 11.45 -18.58
N PHE B 7 3.50 11.36 -17.58
CA PHE B 7 4.38 12.43 -17.11
C PHE B 7 5.79 12.25 -17.67
N THR B 8 6.47 13.34 -18.04
CA THR B 8 7.78 13.25 -18.66
C THR B 8 8.93 13.16 -17.63
N SER B 9 8.68 13.70 -16.43
CA SER B 9 9.67 13.67 -15.37
C SER B 9 9.01 13.39 -14.01
N PRO B 10 9.77 12.79 -13.06
CA PRO B 10 9.27 12.64 -11.69
C PRO B 10 8.93 13.97 -11.04
N PHE B 11 9.52 15.05 -11.54
CA PHE B 11 9.26 16.34 -10.95
C PHE B 11 8.12 17.06 -11.66
N SER B 12 7.54 16.41 -12.67
CA SER B 12 6.45 16.99 -13.45
C SER B 12 5.13 16.95 -12.68
N GLY B 13 4.51 18.11 -12.46
CA GLY B 13 3.15 18.12 -11.93
C GLY B 13 2.12 18.77 -12.86
N ILE B 14 1.21 18.00 -13.46
CA ILE B 14 0.25 18.57 -14.41
C ILE B 14 -1.03 19.06 -13.72
N PRO B 15 -1.49 20.29 -14.01
CA PRO B 15 -2.76 20.66 -13.36
C PRO B 15 -3.91 19.63 -13.63
N LEU B 16 -4.82 19.48 -12.67
CA LEU B 16 -5.90 18.49 -12.79
C LEU B 16 -6.79 18.88 -13.97
N ASP B 17 -7.16 20.15 -14.02
CA ASP B 17 -8.01 20.64 -15.10
C ASP B 17 -7.45 20.43 -16.53
N GLN B 18 -6.16 20.15 -16.65
CA GLN B 18 -5.66 19.80 -17.96
C GLN B 18 -5.58 18.33 -18.27
N GLN B 19 -6.08 17.48 -17.38
CA GLN B 19 -5.98 16.03 -17.62
C GLN B 19 -7.26 15.21 -17.30
N VAL B 20 -8.30 15.90 -16.82
CA VAL B 20 -9.52 15.23 -16.34
C VAL B 20 -10.52 15.17 -17.49
N THR B 21 -10.94 13.97 -17.83
CA THR B 21 -11.87 13.89 -18.94
C THR B 21 -13.22 13.41 -18.43
N ASN B 22 -13.31 13.13 -17.14
CA ASN B 22 -14.53 12.53 -16.60
C ASN B 22 -15.43 13.58 -16.01
N PRO B 23 -16.65 13.74 -16.60
CA PRO B 23 -17.62 14.80 -16.30
C PRO B 23 -18.06 14.76 -14.86
N ASN B 24 -18.01 13.59 -14.24
CA ASN B 24 -18.30 13.45 -12.81
C ASN B 24 -17.13 13.74 -11.84
N ILE B 25 -15.99 14.21 -12.36
CA ILE B 25 -14.95 14.81 -11.52
C ILE B 25 -14.92 16.33 -11.73
N ILE B 26 -15.19 17.10 -10.67
CA ILE B 26 -15.14 18.56 -10.75
C ILE B 26 -13.88 19.03 -10.03
N VAL B 27 -12.97 19.70 -10.74
CA VAL B 27 -11.69 20.15 -10.17
C VAL B 27 -11.47 21.68 -10.27
N GLY B 28 -11.15 22.32 -9.14
CA GLY B 28 -10.67 23.71 -9.12
C GLY B 28 -9.31 24.01 -9.77
N LYS B 29 -9.05 25.30 -9.99
CA LYS B 29 -7.84 25.80 -10.65
C LYS B 29 -6.58 25.61 -9.79
N HIS B 30 -5.45 25.47 -10.50
CA HIS B 30 -4.12 25.22 -9.93
C HIS B 30 -3.87 23.85 -9.26
N SER B 31 -4.91 23.21 -8.73
CA SER B 31 -4.77 21.85 -8.24
C SER B 31 -4.08 20.97 -9.31
N TYR B 32 -3.15 20.14 -8.87
CA TYR B 32 -2.33 19.34 -9.77
C TYR B 32 -2.09 17.95 -9.19
N TYR B 33 -1.81 17.01 -10.09
CA TYR B 33 -1.47 15.64 -9.75
C TYR B 33 -0.05 15.39 -10.26
N SER B 34 0.77 14.82 -9.40
CA SER B 34 2.15 14.61 -9.69
C SER B 34 2.35 13.10 -9.79
N GLY B 35 2.12 12.55 -10.98
CA GLY B 35 1.79 11.13 -11.11
C GLY B 35 2.77 10.20 -11.79
N TYR B 36 3.96 10.70 -12.03
CA TYR B 36 5.01 9.97 -12.73
C TYR B 36 5.22 8.51 -12.30
N TYR B 37 5.23 8.26 -10.98
CA TYR B 37 5.57 6.94 -10.47
C TYR B 37 4.47 5.88 -10.64
N HIS B 38 3.26 6.32 -10.97
CA HIS B 38 2.18 5.43 -11.28
C HIS B 38 1.73 5.55 -12.71
N GLY B 39 2.46 6.32 -13.52
CA GLY B 39 2.28 6.27 -15.00
C GLY B 39 1.03 6.95 -15.59
N HIS B 40 -0.12 6.80 -14.93
CA HIS B 40 -1.38 7.18 -15.53
C HIS B 40 -1.78 8.61 -15.16
N SER B 41 -2.62 9.25 -15.98
CA SER B 41 -3.21 10.55 -15.62
C SER B 41 -4.16 10.44 -14.41
N PHE B 42 -4.59 11.59 -13.88
CA PHE B 42 -5.54 11.64 -12.75
C PHE B 42 -6.81 10.79 -12.89
N ASP B 43 -7.30 10.58 -14.12
CA ASP B 43 -8.59 9.91 -14.34
C ASP B 43 -8.59 8.54 -13.65
N ASP B 44 -7.49 7.82 -13.79
CA ASP B 44 -7.31 6.52 -13.17
C ASP B 44 -6.93 6.53 -11.70
N CYS B 45 -6.81 7.73 -11.08
CA CYS B 45 -6.74 7.83 -9.61
C CYS B 45 -8.12 7.63 -9.05
N VAL B 46 -9.09 8.03 -9.86
CA VAL B 46 -10.47 8.05 -9.44
C VAL B 46 -11.09 6.75 -9.88
N ARG B 47 -11.39 5.90 -8.91
CA ARG B 47 -11.78 4.55 -9.24
C ARG B 47 -13.27 4.33 -9.24
N TYR B 48 -13.74 3.73 -10.34
CA TYR B 48 -15.13 3.27 -10.51
C TYR B 48 -16.17 4.37 -10.69
N LEU B 49 -15.72 5.55 -11.11
CA LEU B 49 -16.67 6.60 -11.37
C LEU B 49 -17.21 6.52 -12.79
N HIS B 50 -18.46 6.09 -12.94
CA HIS B 50 -19.17 6.06 -14.23
C HIS B 50 -19.18 7.48 -14.79
N PRO B 51 -18.65 7.66 -16.03
CA PRO B 51 -18.57 8.99 -16.60
C PRO B 51 -19.92 9.46 -17.14
N GLU B 52 -20.73 8.51 -17.60
CA GLU B 52 -21.93 8.81 -18.36
C GLU B 52 -23.21 9.08 -17.54
N ARG B 53 -23.17 8.94 -16.21
CA ARG B 53 -24.39 9.06 -15.39
C ARG B 53 -24.43 10.11 -14.28
N ASP B 54 -25.65 10.53 -13.93
CA ASP B 54 -25.87 11.65 -13.01
C ASP B 54 -26.45 11.24 -11.66
N ASP B 55 -26.58 9.95 -11.46
CA ASP B 55 -27.12 9.41 -10.24
C ASP B 55 -26.08 8.58 -9.49
N VAL B 56 -24.81 8.93 -9.68
CA VAL B 56 -23.73 8.31 -8.91
C VAL B 56 -23.05 9.38 -8.07
N ASP B 57 -22.31 8.95 -7.06
CA ASP B 57 -21.41 9.80 -6.28
C ASP B 57 -20.37 10.46 -7.18
N LYS B 58 -20.11 11.74 -6.92
CA LYS B 58 -19.16 12.50 -7.70
C LYS B 58 -17.96 12.88 -6.86
N LEU B 59 -16.84 13.19 -7.55
CA LEU B 59 -15.62 13.77 -6.93
C LEU B 59 -15.52 15.28 -7.18
N VAL B 60 -15.48 16.04 -6.10
CA VAL B 60 -15.30 17.47 -6.13
C VAL B 60 -13.99 17.81 -5.44
N ILE B 61 -13.06 18.45 -6.17
CA ILE B 61 -11.77 18.84 -5.58
C ILE B 61 -11.56 20.34 -5.71
N GLY B 62 -11.20 20.98 -4.59
CA GLY B 62 -10.98 22.43 -4.52
C GLY B 62 -9.74 22.93 -5.26
N SER B 63 -9.54 24.24 -5.31
CA SER B 63 -8.33 24.75 -5.93
C SER B 63 -7.08 24.69 -5.02
N PHE B 64 -5.90 24.76 -5.66
CA PHE B 64 -4.61 24.79 -4.98
C PHE B 64 -4.33 23.50 -4.17
N CYS B 65 -4.80 22.37 -4.68
CA CYS B 65 -4.51 21.10 -4.04
C CYS B 65 -3.26 20.48 -4.64
N SER B 66 -2.54 19.75 -3.79
CA SER B 66 -1.36 19.06 -4.26
C SER B 66 -1.60 17.58 -4.03
N ILE B 67 -1.65 16.84 -5.13
CA ILE B 67 -1.91 15.40 -5.02
C ILE B 67 -0.70 14.54 -5.45
N GLY B 68 -0.20 13.77 -4.50
CA GLY B 68 0.89 12.83 -4.72
C GLY B 68 0.57 11.62 -5.62
N SER B 69 1.63 11.11 -6.26
CA SER B 69 1.60 9.99 -7.21
C SER B 69 0.81 8.83 -6.62
N GLY B 70 -0.01 8.22 -7.46
CA GLY B 70 -0.80 7.09 -7.04
C GLY B 70 -1.81 7.25 -5.92
N ALA B 71 -2.17 8.46 -5.54
CA ALA B 71 -3.38 8.65 -4.70
C ALA B 71 -4.67 8.01 -5.27
N VAL B 72 -5.52 7.46 -4.42
CA VAL B 72 -6.70 6.74 -4.87
C VAL B 72 -7.95 7.37 -4.31
N PHE B 73 -8.91 7.61 -5.20
CA PHE B 73 -10.17 8.13 -4.79
C PHE B 73 -11.23 7.09 -5.09
N MET B 74 -11.67 6.37 -4.06
CA MET B 74 -12.63 5.23 -4.27
C MET B 74 -14.04 5.72 -4.47
N MET B 75 -14.58 5.60 -5.69
CA MET B 75 -16.01 5.92 -5.97
C MET B 75 -16.92 4.68 -5.99
N ALA B 76 -18.19 4.82 -6.35
CA ALA B 76 -19.09 3.65 -6.48
C ALA B 76 -19.53 3.02 -5.17
N GLY B 77 -19.35 3.74 -4.06
CA GLY B 77 -19.88 3.37 -2.77
C GLY B 77 -19.48 1.99 -2.32
N ASN B 78 -20.47 1.12 -2.11
CA ASN B 78 -20.19 -0.27 -1.67
C ASN B 78 -19.92 -1.21 -2.84
N GLN B 79 -19.94 -0.67 -4.07
CA GLN B 79 -19.60 -1.44 -5.26
C GLN B 79 -20.55 -2.63 -5.48
N GLY B 80 -21.77 -2.52 -4.94
CA GLY B 80 -22.72 -3.61 -5.03
C GLY B 80 -22.68 -4.68 -3.96
N HIS B 81 -21.87 -4.52 -2.90
CA HIS B 81 -21.66 -5.59 -1.89
C HIS B 81 -22.32 -5.19 -0.59
N ARG B 82 -23.24 -6.03 -0.12
CA ARG B 82 -24.04 -5.68 1.05
C ARG B 82 -23.66 -6.59 2.20
N SER B 83 -22.86 -6.08 3.12
CA SER B 83 -22.38 -6.91 4.24
C SER B 83 -23.51 -7.36 5.15
N ASP B 84 -24.58 -6.55 5.19
CA ASP B 84 -25.79 -6.84 5.97
C ASP B 84 -26.67 -7.91 5.34
N TRP B 85 -26.40 -8.23 4.07
CA TRP B 85 -27.04 -9.34 3.37
C TRP B 85 -26.29 -10.64 3.59
N ILE B 86 -26.87 -11.76 3.17
CA ILE B 86 -26.34 -13.06 3.55
C ILE B 86 -24.95 -13.31 2.92
N SER B 87 -24.89 -13.08 1.61
CA SER B 87 -23.65 -13.04 0.83
C SER B 87 -23.24 -11.61 0.44
N THR B 88 -21.93 -11.36 0.41
CA THR B 88 -21.42 -10.14 -0.20
C THR B 88 -21.18 -10.34 -1.69
N PHE B 89 -21.63 -11.47 -2.24
CA PHE B 89 -21.36 -11.74 -3.65
C PHE B 89 -22.33 -10.92 -4.49
N PRO B 90 -21.80 -10.17 -5.49
CA PRO B 90 -22.66 -9.26 -6.31
C PRO B 90 -23.40 -9.99 -7.45
N PHE B 91 -24.31 -10.87 -7.05
CA PHE B 91 -25.08 -11.69 -7.97
C PHE B 91 -25.62 -10.85 -9.10
N PHE B 92 -26.44 -9.84 -8.73
CA PHE B 92 -26.95 -8.84 -9.66
C PHE B 92 -26.01 -8.40 -10.78
N TYR B 93 -24.70 -8.36 -10.53
CA TYR B 93 -23.80 -7.76 -11.47
C TYR B 93 -23.01 -8.78 -12.25
N GLN B 94 -23.30 -10.05 -12.00
CA GLN B 94 -22.63 -11.11 -12.74
C GLN B 94 -23.58 -11.88 -13.65
N ASP B 95 -23.05 -12.27 -14.81
CA ASP B 95 -23.89 -12.87 -15.83
C ASP B 95 -23.89 -14.39 -15.69
N ASN B 96 -24.97 -14.87 -15.12
CA ASN B 96 -25.26 -16.26 -15.05
C ASN B 96 -26.75 -16.32 -14.92
N ASP B 97 -27.35 -17.17 -15.75
CA ASP B 97 -28.81 -17.27 -15.75
C ASP B 97 -29.36 -17.67 -14.38
N ASN B 98 -28.49 -18.23 -13.53
CA ASN B 98 -28.89 -18.65 -12.19
C ASN B 98 -29.04 -17.54 -11.16
N PHE B 99 -28.52 -16.36 -11.49
CA PHE B 99 -28.54 -15.20 -10.64
C PHE B 99 -29.70 -14.29 -11.03
N ALA B 100 -30.62 -14.82 -11.83
CA ALA B 100 -31.56 -13.96 -12.57
C ALA B 100 -32.41 -13.06 -11.66
N ASP B 101 -32.79 -13.58 -10.49
CA ASP B 101 -33.66 -12.87 -9.57
C ASP B 101 -32.93 -12.16 -8.43
N ALA B 102 -31.66 -11.84 -8.61
CA ALA B 102 -30.90 -11.15 -7.58
C ALA B 102 -31.36 -9.69 -7.41
N ARG B 103 -31.34 -9.19 -6.19
CA ARG B 103 -31.58 -7.77 -5.97
C ARG B 103 -30.28 -6.94 -6.21
N ASP B 104 -30.46 -5.68 -6.63
CA ASP B 104 -29.35 -4.77 -6.83
C ASP B 104 -28.82 -4.39 -5.44
N GLY B 105 -27.58 -4.74 -5.15
CA GLY B 105 -26.98 -4.38 -3.85
C GLY B 105 -26.30 -3.02 -3.79
N PHE B 106 -26.25 -2.30 -4.91
CA PHE B 106 -25.58 -1.02 -4.90
C PHE B 106 -26.24 -0.01 -3.92
N THR B 107 -25.39 0.83 -3.33
CA THR B 107 -25.80 1.91 -2.43
C THR B 107 -24.77 3.00 -2.59
N ARG B 108 -25.29 4.24 -2.70
CA ARG B 108 -24.49 5.46 -2.72
C ARG B 108 -23.94 5.80 -1.36
N SER B 109 -22.87 6.58 -1.39
CA SER B 109 -22.10 6.91 -0.20
C SER B 109 -22.10 8.44 0.00
N GLY B 110 -22.55 9.18 -1.01
CA GLY B 110 -22.46 10.64 -0.97
C GLY B 110 -21.22 11.05 -1.73
N ASP B 111 -21.14 12.31 -2.12
CA ASP B 111 -19.96 12.76 -2.85
C ASP B 111 -18.66 12.72 -2.04
N THR B 112 -17.55 12.61 -2.77
CA THR B 112 -16.27 12.84 -2.18
C THR B 112 -15.87 14.32 -2.46
N ILE B 113 -15.62 15.06 -1.39
CA ILE B 113 -15.34 16.49 -1.46
C ILE B 113 -14.09 16.85 -0.70
N ILE B 114 -13.03 17.15 -1.46
CA ILE B 114 -11.75 17.68 -1.01
C ILE B 114 -11.85 19.22 -1.11
N GLY B 115 -11.61 19.93 -0.01
CA GLY B 115 -11.63 21.41 -0.03
C GLY B 115 -10.47 22.04 -0.78
N HIS B 116 -10.35 23.37 -0.70
CA HIS B 116 -9.13 24.06 -1.15
C HIS B 116 -7.90 23.81 -0.30
N ASP B 117 -6.72 24.04 -0.90
CA ASP B 117 -5.43 23.98 -0.19
C ASP B 117 -5.15 22.64 0.50
N VAL B 118 -5.56 21.54 -0.11
CA VAL B 118 -5.33 20.25 0.48
C VAL B 118 -4.14 19.56 -0.16
N TRP B 119 -3.28 19.06 0.70
CA TRP B 119 -2.11 18.30 0.30
C TRP B 119 -2.46 16.83 0.55
N ILE B 120 -2.49 16.02 -0.50
CA ILE B 120 -2.63 14.57 -0.35
C ILE B 120 -1.33 13.81 -0.67
N GLY B 121 -0.77 13.13 0.35
CA GLY B 121 0.45 12.32 0.25
C GLY B 121 0.32 11.20 -0.79
N THR B 122 1.47 10.81 -1.36
CA THR B 122 1.51 9.73 -2.31
C THR B 122 0.79 8.50 -1.77
N GLU B 123 0.08 7.84 -2.67
CA GLU B 123 -0.54 6.56 -2.41
C GLU B 123 -1.49 6.56 -1.22
N ALA B 124 -2.02 7.72 -0.85
CA ALA B 124 -3.12 7.76 0.12
C ALA B 124 -4.41 7.18 -0.51
N MET B 125 -5.34 6.66 0.30
CA MET B 125 -6.58 6.16 -0.24
C MET B 125 -7.75 6.85 0.45
N ILE B 126 -8.54 7.58 -0.33
CA ILE B 126 -9.71 8.25 0.20
C ILE B 126 -10.90 7.35 0.00
N MET B 127 -11.53 6.91 1.08
CA MET B 127 -12.71 6.03 0.99
C MET B 127 -13.93 6.76 0.39
N PRO B 128 -14.97 6.00 -0.04
CA PRO B 128 -16.11 6.64 -0.66
C PRO B 128 -16.88 7.56 0.30
N GLY B 129 -17.34 8.72 -0.22
CA GLY B 129 -18.19 9.62 0.53
C GLY B 129 -17.53 10.49 1.58
N VAL B 130 -16.19 10.53 1.66
CA VAL B 130 -15.59 11.34 2.75
C VAL B 130 -15.38 12.78 2.32
N LYS B 131 -15.40 13.67 3.31
CA LYS B 131 -15.22 15.11 3.08
C LYS B 131 -13.96 15.59 3.79
N ILE B 132 -13.09 16.27 3.05
CA ILE B 132 -11.81 16.78 3.60
C ILE B 132 -11.79 18.30 3.57
N GLY B 133 -11.73 18.89 4.77
CA GLY B 133 -11.73 20.35 4.94
C GLY B 133 -10.52 21.12 4.40
N HIS B 134 -10.70 22.40 4.15
CA HIS B 134 -9.65 23.25 3.58
C HIS B 134 -8.33 23.22 4.35
N GLY B 135 -7.22 23.19 3.62
CA GLY B 135 -5.90 23.25 4.24
C GLY B 135 -5.50 21.98 4.96
N ALA B 136 -6.26 20.90 4.79
CA ALA B 136 -5.91 19.61 5.41
C ALA B 136 -4.65 19.03 4.78
N ILE B 137 -3.94 18.24 5.57
CA ILE B 137 -2.86 17.43 5.05
C ILE B 137 -3.16 15.94 5.30
N ILE B 138 -3.15 15.17 4.22
CA ILE B 138 -3.28 13.70 4.29
C ILE B 138 -1.91 13.02 4.08
N ALA B 139 -1.41 12.37 5.12
CA ALA B 139 -0.13 11.69 5.04
C ALA B 139 -0.15 10.63 3.96
N SER B 140 1.01 10.41 3.38
CA SER B 140 1.29 9.26 2.52
C SER B 140 0.79 7.98 3.11
N ARG B 141 0.23 7.12 2.24
CA ARG B 141 -0.25 5.80 2.65
C ARG B 141 -1.45 5.86 3.63
N SER B 142 -2.00 7.06 3.86
CA SER B 142 -3.22 7.16 4.66
C SER B 142 -4.35 6.34 4.03
N VAL B 143 -5.19 5.79 4.89
CA VAL B 143 -6.43 5.23 4.43
C VAL B 143 -7.50 6.01 5.16
N VAL B 144 -8.09 6.94 4.42
CA VAL B 144 -8.95 7.94 4.98
C VAL B 144 -10.37 7.43 4.95
N THR B 145 -10.84 7.00 6.11
CA THR B 145 -12.19 6.41 6.19
C THR B 145 -13.24 7.32 6.81
N LYS B 146 -12.86 8.49 7.33
CA LYS B 146 -13.77 9.45 7.98
C LYS B 146 -13.45 10.87 7.54
N ASP B 147 -14.34 11.80 7.78
CA ASP B 147 -14.10 13.19 7.39
C ASP B 147 -12.95 13.79 8.12
N VAL B 148 -12.38 14.83 7.54
CA VAL B 148 -11.20 15.50 8.07
C VAL B 148 -11.44 17.02 8.21
N ALA B 149 -11.20 17.53 9.43
CA ALA B 149 -11.34 18.94 9.75
C ALA B 149 -10.41 19.83 8.90
N PRO B 150 -10.87 21.07 8.61
CA PRO B 150 -10.02 22.07 7.96
C PRO B 150 -8.70 22.25 8.71
N TYR B 151 -7.60 22.31 7.95
CA TYR B 151 -6.24 22.45 8.50
C TYR B 151 -5.80 21.32 9.43
N GLU B 152 -6.50 20.17 9.38
CA GLU B 152 -6.10 18.99 10.20
C GLU B 152 -5.11 18.09 9.46
N VAL B 153 -4.17 17.51 10.19
CA VAL B 153 -3.15 16.60 9.61
C VAL B 153 -3.54 15.21 10.06
N VAL B 154 -3.75 14.29 9.12
CA VAL B 154 -4.05 12.88 9.49
C VAL B 154 -3.07 11.91 8.84
N GLY B 155 -2.94 10.73 9.41
CA GLY B 155 -2.09 9.70 8.80
C GLY B 155 -2.51 8.40 9.38
N SER B 156 -1.97 7.32 8.80
CA SER B 156 -2.23 5.95 9.23
C SER B 156 -3.35 5.24 8.46
N ASN B 157 -3.57 3.96 8.75
CA ASN B 157 -4.58 3.13 8.12
C ASN B 157 -5.28 2.22 9.16
N PRO B 158 -6.52 2.57 9.56
CA PRO B 158 -7.34 3.74 9.16
C PRO B 158 -6.72 5.06 9.63
N ALA B 159 -6.93 6.16 8.88
CA ALA B 159 -6.33 7.46 9.26
C ALA B 159 -6.94 7.96 10.56
N LYS B 160 -6.11 8.69 11.32
CA LYS B 160 -6.31 9.12 12.69
C LYS B 160 -5.69 10.55 12.83
N HIS B 161 -6.25 11.34 13.75
CA HIS B 161 -5.79 12.69 14.03
C HIS B 161 -4.34 12.67 14.46
N ILE B 162 -3.53 13.40 13.73
CA ILE B 162 -2.19 13.70 14.19
C ILE B 162 -2.17 15.05 14.90
N LYS B 163 -2.64 16.12 14.25
CA LYS B 163 -2.54 17.47 14.83
C LYS B 163 -3.28 18.44 13.92
N PHE B 164 -3.50 19.68 14.39
CA PHE B 164 -3.88 20.79 13.49
C PHE B 164 -2.68 21.63 13.14
N ARG B 165 -2.65 22.19 11.93
CA ARG B 165 -1.53 23.05 11.49
C ARG B 165 -1.46 24.34 12.26
N PHE B 166 -2.62 24.89 12.68
CA PHE B 166 -2.63 26.19 13.34
C PHE B 166 -3.59 26.17 14.49
N SER B 167 -3.48 27.16 15.38
CA SER B 167 -4.46 27.43 16.44
C SER B 167 -5.90 27.61 15.93
N ASP B 168 -6.87 27.44 16.84
CA ASP B 168 -8.30 27.55 16.51
C ASP B 168 -8.69 28.92 15.94
N VAL B 169 -8.11 29.97 16.52
CA VAL B 169 -8.22 31.32 16.04
C VAL B 169 -7.68 31.51 14.62
N GLU B 170 -6.46 31.03 14.38
CA GLU B 170 -5.84 31.20 13.06
C GLU B 170 -6.62 30.45 11.99
N ILE B 171 -7.18 29.29 12.37
CA ILE B 171 -8.02 28.52 11.49
C ILE B 171 -9.30 29.29 11.23
N ALA B 172 -9.81 29.98 12.25
CA ALA B 172 -10.99 30.86 12.09
C ALA B 172 -10.71 31.90 11.02
N MET B 173 -9.57 32.57 11.15
CA MET B 173 -9.16 33.61 10.21
C MET B 173 -9.03 33.13 8.74
N LEU B 174 -8.34 32.03 8.52
CA LEU B 174 -8.15 31.54 7.17
C LEU B 174 -9.47 31.11 6.53
N LEU B 175 -10.28 30.35 7.28
CA LEU B 175 -11.59 29.96 6.77
C LEU B 175 -12.36 31.21 6.37
N GLU B 176 -12.29 32.22 7.24
CA GLU B 176 -12.91 33.50 7.00
C GLU B 176 -12.35 34.28 5.82
N MET B 177 -11.03 34.35 5.66
CA MET B 177 -10.53 35.18 4.57
C MET B 177 -10.42 34.46 3.21
N ALA B 178 -10.38 33.11 3.23
CA ALA B 178 -10.54 32.27 2.04
C ALA B 178 -9.75 32.75 0.81
N TRP B 179 -8.44 32.96 1.01
CA TRP B 179 -7.51 33.53 0.02
C TRP B 179 -7.48 32.84 -1.36
N TRP B 180 -7.86 31.56 -1.41
CA TRP B 180 -8.00 30.81 -2.67
C TRP B 180 -9.05 31.45 -3.58
N ASN B 181 -10.01 32.20 -3.02
CA ASN B 181 -11.00 32.89 -3.86
C ASN B 181 -10.63 34.30 -4.28
N TRP B 182 -9.60 34.89 -3.68
CA TRP B 182 -9.12 36.23 -4.06
C TRP B 182 -8.77 36.28 -5.55
N PRO B 183 -9.08 37.41 -6.21
CA PRO B 183 -8.60 37.54 -7.59
C PRO B 183 -7.08 37.37 -7.64
N GLU B 184 -6.61 36.78 -8.73
CA GLU B 184 -5.21 36.47 -8.92
C GLU B 184 -4.24 37.68 -8.78
N SER B 185 -4.71 38.85 -9.19
CA SER B 185 -3.97 40.08 -8.96
C SER B 185 -3.55 40.27 -7.49
N TRP B 186 -4.48 40.08 -6.55
CA TRP B 186 -4.18 40.14 -5.12
C TRP B 186 -3.15 39.13 -4.71
N LEU B 187 -3.31 37.89 -5.17
CA LEU B 187 -2.42 36.80 -4.76
C LEU B 187 -0.99 37.16 -5.07
N LYS B 188 -0.79 37.64 -6.30
CA LYS B 188 0.49 38.13 -6.77
C LYS B 188 1.15 39.12 -5.81
N GLU B 189 0.35 39.95 -5.16
CA GLU B 189 0.85 40.89 -4.16
C GLU B 189 1.04 40.23 -2.78
N SER B 190 0.48 39.04 -2.60
CA SER B 190 0.45 38.40 -1.29
C SER B 190 1.45 37.25 -1.13
N MET B 191 2.15 36.90 -2.21
CA MET B 191 3.08 35.77 -2.23
C MET B 191 4.04 35.63 -1.03
N GLN B 192 4.71 36.70 -0.65
CA GLN B 192 5.58 36.63 0.51
C GLN B 192 4.83 36.26 1.80
N SER B 193 3.63 36.80 1.95
CA SER B 193 2.77 36.52 3.10
C SER B 193 2.29 35.07 3.10
N LEU B 194 1.96 34.55 1.92
CA LEU B 194 1.47 33.16 1.82
C LEU B 194 2.60 32.13 2.09
N CYS B 195 3.85 32.55 1.84
CA CYS B 195 5.02 31.76 2.24
C CYS B 195 5.54 32.21 3.58
N SER B 196 4.63 32.31 4.53
CA SER B 196 5.01 32.68 5.86
C SER B 196 4.02 32.06 6.79
N SER B 197 4.36 32.11 8.07
CA SER B 197 3.46 31.64 9.09
C SER B 197 2.59 32.80 9.64
N ASP B 198 2.55 33.94 8.98
CA ASP B 198 1.85 35.11 9.57
C ASP B 198 0.35 35.22 9.18
N ILE B 199 -0.45 34.29 9.71
CA ILE B 199 -1.88 34.31 9.50
C ILE B 199 -2.38 35.69 9.97
N GLU B 200 -2.11 36.05 11.22
CA GLU B 200 -2.71 37.26 11.80
C GLU B 200 -2.40 38.49 10.98
N GLY B 201 -1.14 38.63 10.58
CA GLY B 201 -0.70 39.71 9.73
C GLY B 201 -1.50 39.86 8.46
N LEU B 202 -1.71 38.76 7.72
CA LEU B 202 -2.42 38.84 6.44
C LEU B 202 -3.95 39.13 6.64
N TYR B 203 -4.49 38.54 7.69
CA TYR B 203 -5.87 38.77 8.10
C TYR B 203 -6.19 40.28 8.27
N LEU B 204 -5.34 40.96 9.04
CA LEU B 204 -5.49 42.39 9.26
C LEU B 204 -5.37 43.12 7.92
N ASN B 205 -4.41 42.71 7.11
CA ASN B 205 -4.27 43.24 5.74
C ASN B 205 -5.47 43.02 4.82
N TRP B 206 -6.24 41.99 5.09
CA TRP B 206 -7.37 41.65 4.24
C TRP B 206 -8.62 42.55 4.50
N GLN B 207 -8.86 42.92 5.75
CA GLN B 207 -10.08 43.61 6.12
C GLN B 207 -10.07 45.07 5.81
N SER B 208 -8.88 45.66 5.80
CA SER B 208 -8.79 47.11 5.68
C SER B 208 -8.21 47.53 4.33
N MET C 4 7.15 -3.35 -20.59
CA MET C 4 7.46 -4.74 -20.16
C MET C 4 8.07 -4.81 -18.73
N ASN C 5 9.17 -5.56 -18.55
CA ASN C 5 9.67 -5.81 -17.20
C ASN C 5 11.18 -5.94 -17.11
N PHE C 6 11.80 -5.23 -16.16
CA PHE C 6 13.24 -5.31 -15.94
C PHE C 6 13.69 -6.71 -15.49
N PHE C 7 12.74 -7.52 -15.06
CA PHE C 7 13.04 -8.78 -14.39
C PHE C 7 12.41 -9.89 -15.16
N THR C 8 13.14 -10.98 -15.34
CA THR C 8 12.62 -12.03 -16.18
C THR C 8 11.78 -13.02 -15.39
N SER C 9 12.03 -13.11 -14.09
CA SER C 9 11.32 -14.05 -13.22
C SER C 9 10.91 -13.40 -11.88
N PRO C 10 9.80 -13.90 -11.31
CA PRO C 10 9.41 -13.55 -9.94
C PRO C 10 10.54 -13.79 -8.96
N PHE C 11 11.29 -14.86 -9.16
CA PHE C 11 12.26 -15.26 -8.17
C PHE C 11 13.61 -14.61 -8.41
N SER C 12 13.63 -13.60 -9.28
CA SER C 12 14.87 -13.01 -9.77
C SER C 12 15.27 -11.81 -8.90
N GLY C 13 16.50 -11.83 -8.40
CA GLY C 13 16.98 -10.80 -7.47
C GLY C 13 18.27 -10.29 -8.02
N ILE C 14 18.28 -9.11 -8.62
CA ILE C 14 19.48 -8.53 -9.23
C ILE C 14 20.19 -7.56 -8.26
N PRO C 15 21.52 -7.71 -8.11
CA PRO C 15 22.32 -6.80 -7.27
C PRO C 15 22.07 -5.32 -7.61
N LEU C 16 22.06 -4.45 -6.62
CA LEU C 16 21.76 -3.06 -6.85
C LEU C 16 22.85 -2.38 -7.71
N ASP C 17 24.11 -2.80 -7.49
CA ASP C 17 25.25 -2.18 -8.16
C ASP C 17 25.36 -2.64 -9.62
N GLN C 18 24.37 -3.39 -10.09
CA GLN C 18 24.21 -3.65 -11.52
C GLN C 18 23.00 -2.96 -12.13
N GLN C 19 22.24 -2.19 -11.35
CA GLN C 19 21.06 -1.52 -11.91
C GLN C 19 20.93 -0.06 -11.52
N VAL C 20 21.78 0.40 -10.61
CA VAL C 20 21.70 1.76 -10.12
C VAL C 20 22.42 2.72 -11.05
N THR C 21 21.72 3.78 -11.39
CA THR C 21 22.22 4.69 -12.38
C THR C 21 22.34 6.07 -11.79
N ASN C 22 21.65 6.26 -10.69
CA ASN C 22 21.60 7.56 -10.06
C ASN C 22 22.83 7.80 -9.18
N PRO C 23 23.62 8.83 -9.53
CA PRO C 23 24.83 9.15 -8.80
C PRO C 23 24.55 9.40 -7.33
N ASN C 24 23.35 9.90 -7.00
CA ASN C 24 22.94 10.13 -5.61
C ASN C 24 22.47 8.88 -4.84
N ILE C 25 22.61 7.71 -5.45
CA ILE C 25 22.36 6.45 -4.78
C ILE C 25 23.68 5.72 -4.66
N ILE C 26 24.09 5.49 -3.41
CA ILE C 26 25.33 4.80 -3.14
C ILE C 26 24.97 3.46 -2.53
N VAL C 27 25.40 2.36 -3.19
CA VAL C 27 25.10 0.99 -2.73
C VAL C 27 26.34 0.06 -2.45
N GLY C 28 26.25 -0.81 -1.45
CA GLY C 28 27.32 -1.81 -1.20
C GLY C 28 27.17 -3.11 -2.00
N LYS C 29 28.09 -4.03 -1.77
CA LYS C 29 28.11 -5.26 -2.57
C LYS C 29 26.98 -6.18 -2.16
N HIS C 30 26.62 -7.10 -3.05
CA HIS C 30 25.63 -8.16 -2.84
C HIS C 30 24.18 -7.74 -2.58
N SER C 31 23.96 -6.54 -2.05
CA SER C 31 22.61 -6.04 -1.80
C SER C 31 21.82 -6.19 -3.09
N TYR C 32 20.61 -6.72 -3.04
CA TYR C 32 19.92 -6.94 -4.29
C TYR C 32 18.50 -6.38 -4.20
N TYR C 33 17.88 -6.13 -5.35
CA TYR C 33 16.48 -5.73 -5.40
C TYR C 33 15.68 -6.77 -6.20
N SER C 34 14.55 -7.16 -5.64
CA SER C 34 13.73 -8.25 -6.15
C SER C 34 12.42 -7.72 -6.73
N GLY C 35 12.41 -7.30 -7.97
CA GLY C 35 11.42 -6.29 -8.36
C GLY C 35 10.35 -6.67 -9.34
N TYR C 36 10.30 -7.95 -9.66
CA TYR C 36 9.48 -8.47 -10.74
C TYR C 36 8.03 -7.93 -10.68
N TYR C 37 7.43 -7.90 -9.50
CA TYR C 37 6.04 -7.52 -9.35
C TYR C 37 5.74 -6.04 -9.59
N HIS C 38 6.79 -5.22 -9.74
CA HIS C 38 6.58 -3.78 -9.93
C HIS C 38 7.22 -3.26 -11.19
N GLY C 39 7.87 -4.17 -11.92
CA GLY C 39 8.35 -3.90 -13.28
C GLY C 39 9.70 -3.21 -13.39
N HIS C 40 9.86 -2.07 -12.73
CA HIS C 40 11.02 -1.21 -12.91
C HIS C 40 12.25 -1.68 -12.12
N SER C 41 13.44 -1.33 -12.59
CA SER C 41 14.67 -1.53 -11.80
C SER C 41 14.68 -0.65 -10.54
N PHE C 42 15.76 -0.74 -9.78
CA PHE C 42 15.85 -0.04 -8.50
C PHE C 42 15.74 1.50 -8.53
N ASP C 43 16.24 2.14 -9.60
CA ASP C 43 16.23 3.57 -9.69
C ASP C 43 14.86 4.16 -9.39
N ASP C 44 13.78 3.56 -9.92
CA ASP C 44 12.45 4.11 -9.71
C ASP C 44 11.83 3.72 -8.37
N CYS C 45 12.52 2.91 -7.57
CA CYS C 45 12.18 2.77 -6.15
C CYS C 45 12.51 4.04 -5.41
N VAL C 46 13.61 4.68 -5.83
CA VAL C 46 14.11 5.89 -5.18
C VAL C 46 13.44 7.13 -5.81
N ARG C 47 12.40 7.67 -5.15
CA ARG C 47 11.55 8.72 -5.72
C ARG C 47 11.99 10.15 -5.40
N TYR C 48 12.01 11.00 -6.44
CA TYR C 48 12.27 12.44 -6.35
C TYR C 48 13.73 12.80 -6.07
N LEU C 49 14.63 11.92 -6.47
CA LEU C 49 16.04 12.14 -6.24
C LEU C 49 16.75 12.61 -7.49
N HIS C 50 16.89 13.94 -7.65
CA HIS C 50 17.64 14.56 -8.75
C HIS C 50 19.04 13.94 -8.90
N PRO C 51 19.37 13.41 -10.08
CA PRO C 51 20.67 12.75 -10.22
C PRO C 51 21.84 13.71 -10.50
N GLU C 52 21.54 14.96 -10.87
CA GLU C 52 22.59 15.91 -11.26
C GLU C 52 23.05 16.82 -10.12
N ARG C 53 22.27 16.92 -9.05
CA ARG C 53 22.54 17.90 -8.01
C ARG C 53 23.33 17.31 -6.86
N ASP C 54 24.29 18.09 -6.37
CA ASP C 54 25.15 17.62 -5.31
C ASP C 54 24.74 18.16 -3.97
N ASP C 55 23.69 18.97 -3.97
CA ASP C 55 23.24 19.64 -2.78
C ASP C 55 21.92 19.10 -2.23
N VAL C 56 21.57 17.85 -2.56
CA VAL C 56 20.30 17.24 -2.07
C VAL C 56 20.46 16.00 -1.18
N ASP C 57 19.45 15.63 -0.41
CA ASP C 57 19.48 14.39 0.38
C ASP C 57 19.85 13.21 -0.55
N LYS C 58 20.76 12.36 -0.11
CA LYS C 58 21.29 11.27 -0.92
C LYS C 58 20.80 9.98 -0.30
N LEU C 59 20.87 8.87 -1.02
CA LEU C 59 20.50 7.56 -0.44
C LEU C 59 21.70 6.63 -0.40
N VAL C 60 21.94 6.06 0.77
CA VAL C 60 23.09 5.23 1.01
C VAL C 60 22.60 3.88 1.54
N ILE C 61 23.08 2.79 0.94
CA ILE C 61 22.62 1.45 1.31
C ILE C 61 23.82 0.56 1.52
N GLY C 62 23.87 -0.15 2.65
CA GLY C 62 25.05 -0.97 2.95
C GLY C 62 25.09 -2.22 2.08
N SER C 63 26.03 -3.10 2.37
CA SER C 63 26.04 -4.41 1.72
C SER C 63 25.10 -5.51 2.33
N PHE C 64 24.84 -6.54 1.53
CA PHE C 64 24.08 -7.70 1.97
C PHE C 64 22.63 -7.39 2.37
N CYS C 65 22.05 -6.39 1.74
CA CYS C 65 20.62 -6.07 1.94
C CYS C 65 19.73 -6.87 1.02
N SER C 66 18.55 -7.19 1.55
CA SER C 66 17.48 -7.81 0.78
C SER C 66 16.32 -6.84 0.66
N ILE C 67 16.07 -6.36 -0.57
CA ILE C 67 15.03 -5.37 -0.79
C ILE C 67 13.92 -5.94 -1.61
N GLY C 68 12.72 -5.93 -1.04
CA GLY C 68 11.56 -6.55 -1.68
C GLY C 68 10.86 -5.70 -2.73
N SER C 69 10.02 -6.35 -3.52
CA SER C 69 9.33 -5.72 -4.67
C SER C 69 8.46 -4.49 -4.30
N GLY C 70 8.67 -3.39 -5.04
CA GLY C 70 7.91 -2.17 -4.89
C GLY C 70 8.27 -1.30 -3.69
N ALA C 71 9.36 -1.61 -3.01
CA ALA C 71 9.77 -0.82 -1.85
C ALA C 71 9.99 0.64 -2.31
N VAL C 72 9.61 1.60 -1.48
CA VAL C 72 9.72 3.02 -1.87
C VAL C 72 10.68 3.79 -0.96
N PHE C 73 11.66 4.46 -1.53
CA PHE C 73 12.51 5.39 -0.74
C PHE C 73 12.26 6.85 -1.10
N MET C 74 11.59 7.56 -0.20
CA MET C 74 11.17 8.93 -0.46
C MET C 74 12.31 9.94 -0.27
N MET C 75 12.71 10.62 -1.35
CA MET C 75 13.74 11.66 -1.27
C MET C 75 13.08 13.01 -1.53
N ALA C 76 13.86 14.07 -1.80
CA ALA C 76 13.31 15.44 -1.94
C ALA C 76 12.64 16.05 -0.71
N GLY C 77 12.89 15.49 0.48
CA GLY C 77 12.54 16.17 1.72
C GLY C 77 11.05 16.44 1.69
N ASN C 78 10.63 17.68 1.91
CA ASN C 78 9.21 18.00 1.98
C ASN C 78 8.62 18.33 0.64
N GLN C 79 9.45 18.14 -0.41
CA GLN C 79 9.04 18.31 -1.80
C GLN C 79 8.46 19.69 -2.08
N GLY C 80 8.91 20.72 -1.36
CA GLY C 80 8.48 22.10 -1.60
C GLY C 80 7.28 22.51 -0.77
N HIS C 81 6.72 21.58 -0.01
CA HIS C 81 5.49 21.84 0.78
C HIS C 81 5.81 22.17 2.25
N ARG C 82 5.46 23.39 2.69
CA ARG C 82 5.66 23.82 4.09
C ARG C 82 4.34 23.87 4.88
N SER C 83 4.09 22.84 5.70
CA SER C 83 2.86 22.81 6.50
C SER C 83 2.75 23.99 7.51
N ASP C 84 3.91 24.56 7.89
CA ASP C 84 4.01 25.67 8.83
C ASP C 84 3.70 27.02 8.14
N TRP C 85 3.71 27.03 6.80
CA TRP C 85 3.29 28.17 6.02
C TRP C 85 1.77 28.20 5.80
N ILE C 86 1.26 29.38 5.44
CA ILE C 86 -0.18 29.52 5.33
C ILE C 86 -0.75 28.48 4.35
N SER C 87 -0.01 28.22 3.26
CA SER C 87 -0.41 27.27 2.23
C SER C 87 0.64 26.15 2.01
N THR C 88 0.17 24.93 1.89
CA THR C 88 1.07 23.88 1.49
C THR C 88 1.37 23.93 -0.04
N PHE C 89 0.69 24.81 -0.77
CA PHE C 89 0.81 24.82 -2.21
C PHE C 89 2.19 25.36 -2.67
N PRO C 90 2.85 24.64 -3.60
CA PRO C 90 4.23 24.99 -3.96
C PRO C 90 4.31 26.12 -5.00
N PHE C 91 3.95 27.33 -4.61
CA PHE C 91 3.92 28.45 -5.59
C PHE C 91 5.24 28.64 -6.34
N PHE C 92 6.38 28.49 -5.64
CA PHE C 92 7.68 28.70 -6.23
C PHE C 92 7.87 27.81 -7.46
N TYR C 93 7.32 26.59 -7.40
CA TYR C 93 7.51 25.60 -8.46
C TYR C 93 6.44 25.56 -9.56
N GLN C 94 5.40 26.37 -9.43
CA GLN C 94 4.43 26.47 -10.48
C GLN C 94 4.80 27.74 -11.21
N ASP C 95 5.20 27.56 -12.45
CA ASP C 95 5.61 28.69 -13.28
C ASP C 95 4.32 29.38 -13.76
N ASN C 96 4.08 30.56 -13.21
CA ASN C 96 2.88 31.30 -13.42
C ASN C 96 3.29 32.68 -13.02
N ASP C 97 3.05 33.65 -13.89
CA ASP C 97 3.54 35.01 -13.67
C ASP C 97 3.08 35.60 -12.34
N ASN C 98 1.94 35.15 -11.84
CA ASN C 98 1.42 35.66 -10.56
C ASN C 98 2.11 35.11 -9.31
N PHE C 99 2.77 33.95 -9.42
CA PHE C 99 3.46 33.38 -8.27
C PHE C 99 4.91 33.87 -8.17
N ALA C 100 5.23 34.93 -8.93
CA ALA C 100 6.59 35.48 -9.00
C ALA C 100 7.36 35.65 -7.68
N ASP C 101 6.77 36.28 -6.66
CA ASP C 101 7.47 36.56 -5.41
C ASP C 101 7.45 35.46 -4.37
N ALA C 102 7.13 34.24 -4.80
CA ALA C 102 7.06 33.09 -3.90
C ALA C 102 8.45 32.77 -3.36
N ARG C 103 8.51 32.39 -2.08
CA ARG C 103 9.71 31.79 -1.49
C ARG C 103 9.75 30.27 -1.73
N ASP C 104 10.97 29.77 -1.90
CA ASP C 104 11.23 28.34 -2.05
C ASP C 104 10.91 27.57 -0.76
N GLY C 105 9.91 26.69 -0.81
CA GLY C 105 9.47 25.93 0.35
C GLY C 105 10.31 24.67 0.63
N PHE C 106 11.26 24.40 -0.24
CA PHE C 106 11.89 23.12 -0.19
C PHE C 106 12.83 23.02 1.01
N THR C 107 12.59 22.08 1.91
CA THR C 107 13.48 21.82 3.06
C THR C 107 13.94 20.40 2.95
N ARG C 108 15.27 20.20 3.06
CA ARG C 108 15.92 18.88 3.09
C ARG C 108 15.64 18.19 4.42
N SER C 109 15.62 16.87 4.39
CA SER C 109 15.40 16.10 5.59
C SER C 109 16.64 15.41 6.16
N GLY C 110 17.79 15.49 5.49
CA GLY C 110 18.96 14.68 5.81
C GLY C 110 19.06 13.49 4.85
N ASP C 111 20.22 12.85 4.73
CA ASP C 111 20.34 11.60 3.96
C ASP C 111 19.56 10.41 4.49
N THR C 112 19.17 9.49 3.62
CA THR C 112 18.55 8.23 4.05
C THR C 112 19.67 7.19 4.01
N ILE C 113 19.97 6.65 5.18
CA ILE C 113 21.03 5.67 5.28
C ILE C 113 20.51 4.31 5.75
N ILE C 114 20.74 3.28 4.94
CA ILE C 114 20.39 1.92 5.29
C ILE C 114 21.69 1.18 5.56
N GLY C 115 21.81 0.63 6.75
CA GLY C 115 22.95 -0.19 7.10
C GLY C 115 23.17 -1.47 6.31
N HIS C 116 24.09 -2.28 6.81
CA HIS C 116 24.41 -3.54 6.25
C HIS C 116 23.35 -4.56 6.70
N ASP C 117 23.20 -5.62 5.92
CA ASP C 117 22.40 -6.79 6.34
C ASP C 117 20.95 -6.42 6.73
N VAL C 118 20.34 -5.55 5.92
CA VAL C 118 18.95 -5.08 6.16
C VAL C 118 17.98 -5.74 5.19
N TRP C 119 16.91 -6.25 5.74
CA TRP C 119 15.87 -6.91 5.00
C TRP C 119 14.64 -5.97 4.99
N ILE C 120 14.28 -5.48 3.80
CA ILE C 120 13.14 -4.57 3.62
C ILE C 120 12.05 -5.32 2.87
N GLY C 121 10.89 -5.44 3.51
CA GLY C 121 9.78 -6.24 2.96
C GLY C 121 9.15 -5.57 1.75
N THR C 122 8.41 -6.35 0.99
CA THR C 122 7.74 -5.81 -0.15
C THR C 122 6.82 -4.56 0.19
N GLU C 123 6.88 -3.57 -0.73
CA GLU C 123 6.06 -2.35 -0.69
C GLU C 123 6.17 -1.49 0.59
N ALA C 124 7.24 -1.69 1.34
CA ALA C 124 7.59 -0.82 2.45
C ALA C 124 7.89 0.56 1.92
N MET C 125 7.60 1.58 2.74
CA MET C 125 7.93 2.94 2.40
C MET C 125 8.78 3.61 3.46
N ILE C 126 9.97 4.06 3.04
CA ILE C 126 10.89 4.73 3.93
C ILE C 126 10.73 6.23 3.71
N MET C 127 10.44 6.97 4.77
CA MET C 127 10.26 8.42 4.66
C MET C 127 11.61 9.14 4.51
N PRO C 128 11.61 10.44 4.11
CA PRO C 128 12.87 11.16 3.92
C PRO C 128 13.72 11.19 5.17
N GLY C 129 15.03 11.09 5.00
CA GLY C 129 15.98 11.27 6.11
C GLY C 129 16.05 10.21 7.23
N VAL C 130 15.46 9.05 7.03
CA VAL C 130 15.53 8.10 8.12
C VAL C 130 16.77 7.23 8.02
N LYS C 131 17.29 6.86 9.18
CA LYS C 131 18.47 6.01 9.32
C LYS C 131 17.99 4.62 9.82
N ILE C 132 18.49 3.54 9.19
CA ILE C 132 18.11 2.14 9.57
C ILE C 132 19.38 1.34 9.90
N GLY C 133 19.45 0.80 11.11
CA GLY C 133 20.66 0.17 11.62
C GLY C 133 20.90 -1.19 11.01
N HIS C 134 22.17 -1.61 11.02
CA HIS C 134 22.57 -2.89 10.45
C HIS C 134 21.70 -3.96 11.03
N GLY C 135 21.42 -4.99 10.21
CA GLY C 135 20.66 -6.14 10.70
C GLY C 135 19.17 -5.93 11.02
N ALA C 136 18.61 -4.78 10.66
CA ALA C 136 17.21 -4.47 10.91
C ALA C 136 16.30 -5.19 9.90
N ILE C 137 15.07 -5.41 10.33
CA ILE C 137 14.04 -5.91 9.43
C ILE C 137 12.85 -4.95 9.35
N ILE C 138 12.51 -4.55 8.15
CA ILE C 138 11.31 -3.76 7.91
C ILE C 138 10.17 -4.65 7.35
N ALA C 139 9.11 -4.86 8.13
CA ALA C 139 7.97 -5.68 7.71
C ALA C 139 7.45 -5.12 6.39
N SER C 140 6.92 -5.98 5.51
CA SER C 140 6.19 -5.57 4.32
C SER C 140 5.15 -4.51 4.66
N ARG C 141 4.90 -3.59 3.72
CA ARG C 141 3.90 -2.50 3.87
C ARG C 141 4.16 -1.54 5.05
N SER C 142 5.31 -1.70 5.72
CA SER C 142 5.71 -0.71 6.71
C SER C 142 5.72 0.68 6.07
N VAL C 143 5.42 1.71 6.86
CA VAL C 143 5.74 3.09 6.46
C VAL C 143 6.70 3.60 7.54
N VAL C 144 7.99 3.66 7.22
CA VAL C 144 8.99 3.94 8.24
C VAL C 144 9.21 5.44 8.30
N THR C 145 8.84 6.03 9.44
CA THR C 145 8.86 7.49 9.66
C THR C 145 9.98 7.97 10.58
N LYS C 146 10.60 7.07 11.33
CA LYS C 146 11.75 7.45 12.16
C LYS C 146 12.83 6.35 12.12
N ASP C 147 14.01 6.68 12.64
CA ASP C 147 15.14 5.75 12.70
C ASP C 147 14.89 4.39 13.33
N VAL C 148 15.55 3.38 12.78
CA VAL C 148 15.36 2.02 13.23
C VAL C 148 16.68 1.54 13.80
N ALA C 149 16.63 0.97 15.00
CA ALA C 149 17.85 0.62 15.70
C ALA C 149 18.50 -0.67 15.09
N PRO C 150 19.84 -0.82 15.24
CA PRO C 150 20.45 -2.07 14.73
C PRO C 150 19.73 -3.30 15.23
N TYR C 151 19.48 -4.25 14.33
CA TYR C 151 18.84 -5.54 14.62
C TYR C 151 17.44 -5.43 15.15
N GLU C 152 16.83 -4.26 15.01
CA GLU C 152 15.44 -4.09 15.38
C GLU C 152 14.48 -4.48 14.27
N VAL C 153 13.40 -5.18 14.66
CA VAL C 153 12.27 -5.52 13.74
C VAL C 153 11.08 -4.52 13.91
N VAL C 154 10.72 -3.79 12.88
CA VAL C 154 9.63 -2.83 12.97
C VAL C 154 8.62 -3.19 11.91
N GLY C 155 7.38 -2.70 12.10
CA GLY C 155 6.30 -2.86 11.13
C GLY C 155 5.09 -1.99 11.39
N SER C 156 4.17 -1.92 10.43
CA SER C 156 2.92 -1.14 10.56
C SER C 156 3.08 0.23 9.92
N ASN C 157 2.05 1.06 10.03
CA ASN C 157 2.00 2.38 9.37
C ASN C 157 1.33 3.46 10.24
N PRO C 158 2.13 4.34 10.89
CA PRO C 158 3.59 4.39 10.86
C PRO C 158 4.24 3.14 11.51
N ALA C 159 5.50 2.86 11.19
CA ALA C 159 6.12 1.62 11.65
C ALA C 159 6.50 1.78 13.10
N LYS C 160 6.43 0.68 13.83
CA LYS C 160 6.71 0.70 15.26
C LYS C 160 7.42 -0.58 15.75
N HIS C 161 8.09 -0.44 16.89
CA HIS C 161 8.83 -1.51 17.46
C HIS C 161 8.03 -2.80 17.49
N ILE C 162 8.59 -3.87 16.95
CA ILE C 162 8.05 -5.21 17.21
C ILE C 162 8.94 -5.97 18.17
N LYS C 163 10.23 -6.11 17.88
CA LYS C 163 11.16 -6.80 18.80
C LYS C 163 12.62 -6.60 18.37
N PHE C 164 13.55 -7.13 19.16
CA PHE C 164 14.95 -7.22 18.69
C PHE C 164 15.25 -8.63 18.22
N ARG C 165 16.15 -8.79 17.25
CA ARG C 165 16.35 -10.11 16.66
C ARG C 165 17.09 -10.98 17.62
N PHE C 166 17.90 -10.36 18.50
CA PHE C 166 18.90 -11.03 19.33
C PHE C 166 19.08 -10.31 20.68
N SER C 167 19.76 -10.93 21.65
CA SER C 167 20.06 -10.27 22.95
C SER C 167 20.92 -9.01 22.74
N ASP C 168 21.01 -8.14 23.77
CA ASP C 168 21.95 -7.00 23.64
C ASP C 168 23.40 -7.47 23.46
N VAL C 169 23.80 -8.49 24.21
CA VAL C 169 25.16 -9.00 24.06
C VAL C 169 25.43 -9.37 22.61
N GLU C 170 24.54 -10.16 22.01
CA GLU C 170 24.73 -10.61 20.64
C GLU C 170 24.76 -9.48 19.66
N ILE C 171 23.97 -8.43 19.93
CA ILE C 171 23.92 -7.30 19.01
C ILE C 171 25.27 -6.59 19.04
N ALA C 172 25.75 -6.32 20.25
CA ALA C 172 27.08 -5.74 20.46
C ALA C 172 28.15 -6.58 19.80
N MET C 173 28.09 -7.91 19.92
CA MET C 173 29.08 -8.80 19.26
C MET C 173 29.09 -8.68 17.73
N LEU C 174 27.90 -8.69 17.15
CA LEU C 174 27.75 -8.43 15.71
C LEU C 174 28.28 -7.04 15.25
N LEU C 175 27.87 -5.97 15.94
CA LEU C 175 28.33 -4.64 15.55
C LEU C 175 29.83 -4.56 15.66
N GLU C 176 30.40 -5.18 16.68
CA GLU C 176 31.84 -5.24 16.82
C GLU C 176 32.54 -6.05 15.73
N MET C 177 32.05 -7.24 15.41
CA MET C 177 32.77 -8.07 14.46
C MET C 177 32.52 -7.72 12.98
N ALA C 178 31.44 -6.98 12.71
CA ALA C 178 31.16 -6.46 11.39
C ALA C 178 31.57 -7.44 10.30
N TRP C 179 30.91 -8.60 10.28
CA TRP C 179 31.27 -9.69 9.34
C TRP C 179 31.15 -9.27 7.87
N TRP C 180 30.28 -8.29 7.61
CA TRP C 180 30.13 -7.74 6.28
C TRP C 180 31.47 -7.16 5.81
N ASN C 181 32.39 -6.82 6.71
CA ASN C 181 33.69 -6.23 6.28
C ASN C 181 34.85 -7.26 6.21
N TRP C 182 34.60 -8.49 6.59
CA TRP C 182 35.65 -9.51 6.53
C TRP C 182 36.26 -9.73 5.14
N PRO C 183 37.56 -10.16 5.11
CA PRO C 183 38.08 -10.68 3.83
C PRO C 183 37.14 -11.80 3.31
N GLU C 184 37.06 -11.90 1.99
CA GLU C 184 36.22 -12.88 1.31
C GLU C 184 36.48 -14.32 1.76
N SER C 185 37.76 -14.63 1.77
CA SER C 185 38.30 -15.77 2.40
C SER C 185 37.56 -16.06 3.71
N TRP C 186 37.50 -15.10 4.62
CA TRP C 186 36.83 -15.30 5.91
C TRP C 186 35.31 -15.52 5.75
N LEU C 187 34.70 -14.65 4.96
CA LEU C 187 33.33 -14.77 4.64
C LEU C 187 32.97 -16.17 4.16
N LYS C 188 33.75 -16.68 3.22
CA LYS C 188 33.49 -17.98 2.63
C LYS C 188 33.61 -19.08 3.68
N GLU C 189 34.63 -19.02 4.51
CA GLU C 189 34.78 -19.95 5.61
C GLU C 189 33.59 -20.02 6.59
N SER C 190 32.75 -18.99 6.63
CA SER C 190 31.88 -18.81 7.79
C SER C 190 30.44 -18.92 7.42
N MET C 191 30.19 -19.31 6.18
CA MET C 191 28.84 -19.55 5.65
C MET C 191 27.95 -20.41 6.54
N GLN C 192 28.48 -21.48 7.10
CA GLN C 192 27.60 -22.33 7.93
C GLN C 192 27.21 -21.62 9.23
N SER C 193 28.16 -20.95 9.88
CA SER C 193 27.88 -20.20 11.09
C SER C 193 26.89 -19.08 10.80
N LEU C 194 27.08 -18.42 9.68
CA LEU C 194 26.18 -17.35 9.33
C LEU C 194 24.77 -17.86 9.09
N CYS C 195 24.62 -19.14 8.77
CA CYS C 195 23.30 -19.72 8.57
C CYS C 195 22.96 -20.57 9.78
N SER C 196 23.15 -19.97 10.95
CA SER C 196 22.81 -20.57 12.21
C SER C 196 22.59 -19.41 13.15
N SER C 197 22.16 -19.72 14.36
CA SER C 197 21.90 -18.66 15.29
C SER C 197 23.05 -18.48 16.30
N ASP C 198 24.22 -19.02 16.00
CA ASP C 198 25.30 -19.02 16.96
C ASP C 198 26.22 -17.79 16.87
N ILE C 199 25.64 -16.63 17.23
CA ILE C 199 26.39 -15.36 17.26
C ILE C 199 27.63 -15.50 18.15
N GLU C 200 27.45 -15.98 19.37
CA GLU C 200 28.57 -16.02 20.29
C GLU C 200 29.77 -16.86 19.82
N GLY C 201 29.53 -18.13 19.37
CA GLY C 201 30.53 -19.00 18.79
C GLY C 201 31.21 -18.36 17.59
N LEU C 202 30.44 -17.67 16.74
CA LEU C 202 31.08 -16.93 15.65
C LEU C 202 32.04 -15.83 16.17
N TYR C 203 31.53 -15.07 17.15
CA TYR C 203 32.28 -14.02 17.83
C TYR C 203 33.60 -14.52 18.45
N LEU C 204 33.53 -15.52 19.33
CA LEU C 204 34.77 -16.08 19.94
C LEU C 204 35.78 -16.49 18.90
N ASN C 205 35.30 -17.16 17.88
CA ASN C 205 36.11 -17.50 16.75
C ASN C 205 36.77 -16.32 16.07
N TRP C 206 35.98 -15.33 15.67
CA TRP C 206 36.50 -14.11 15.04
C TRP C 206 37.55 -13.46 15.93
N GLN C 207 37.22 -13.27 17.19
CA GLN C 207 38.16 -12.77 18.19
C GLN C 207 39.54 -13.39 18.15
N SER C 208 39.64 -14.73 18.10
CA SER C 208 40.97 -15.35 18.14
C SER C 208 41.70 -15.21 16.81
N LYS C 209 40.95 -15.15 15.71
CA LYS C 209 41.54 -14.90 14.40
C LYS C 209 41.95 -13.46 14.28
N ALA C 210 41.13 -12.52 14.76
CA ALA C 210 41.29 -11.14 14.35
C ALA C 210 41.93 -10.16 15.34
N ARG C 211 41.97 -10.50 16.63
CA ARG C 211 42.40 -9.49 17.63
C ARG C 211 43.86 -9.61 18.17
C1 MPD D . -14.23 -3.92 1.08
C2 MPD D . -14.48 -2.72 2.03
O2 MPD D . -13.20 -2.02 2.16
CM MPD D . -14.88 -3.19 3.46
C3 MPD D . -15.53 -1.71 1.46
C4 MPD D . -15.08 -1.06 0.13
O4 MPD D . -13.83 -1.63 -0.28
C5 MPD D . -16.09 -1.17 -1.02
C1 MPD E . 6.65 -12.04 4.33
C2 MPD E . 8.04 -11.51 4.67
O2 MPD E . 8.14 -10.18 4.06
CM MPD E . 9.00 -12.51 4.02
C3 MPD E . 8.32 -11.28 6.19
C4 MPD E . 8.51 -9.79 6.64
O4 MPD E . 7.43 -8.97 6.23
C5 MPD E . 9.75 -9.11 6.07
C1 MPD F . 37.28 -16.25 9.68
C2 MPD F . 36.67 -16.91 10.89
O2 MPD F . 35.99 -15.89 11.66
CM MPD F . 37.71 -17.43 11.85
C3 MPD F . 35.74 -18.02 10.38
C4 MPD F . 35.31 -19.02 11.45
O4 MPD F . 36.08 -20.20 11.33
C5 MPD F . 33.84 -19.39 11.29
#